data_9HD3
#
_entry.id   9HD3
#
_cell.length_a   51.817
_cell.length_b   51.817
_cell.length_c   145.720
_cell.angle_alpha   90.00
_cell.angle_beta   90.00
_cell.angle_gamma   90.00
#
_symmetry.space_group_name_H-M   'P 41 21 2'
#
loop_
_entity.id
_entity.type
_entity.pdbx_description
1 polymer 'Telomeric repeat-binding factor 1'
2 non-polymer '4-ethoxynaphthalene-1-sulfonic acid'
3 non-polymer 1,2-ETHANEDIOL
4 non-polymer 'CALCIUM ION'
5 water water
#
_entity_poly.entity_id   1
_entity_poly.type   'polypeptide(L)'
_entity_poly.pdbx_seq_one_letter_code
;SNAQVQVGAPEEEEEEEEDAGLVAEAEAVAAGWMLDFLCLSLCRAFRDGRSEDFRRTRNSAEAIIHGLSSLTACQLRTIY
ICQFLTRIAAGKTLDAQFENDERITPLESALMIWGSIEKEHDKLHEEIQNLIKIQAIAVCMENGNFKEAEEVFERIFGDP
NSHMPFKSKLLMIISQKDTFHSFFQHFSYNHMMEKIKSYVNYVLSEKSSTFLMKAAAKVVESKR
;
_entity_poly.pdbx_strand_id   A
#
# COMPACT_ATOMS: atom_id res chain seq x y z
N GLU A 16 29.27 -7.56 -30.12
CA GLU A 16 29.15 -9.02 -30.15
C GLU A 16 28.13 -9.51 -29.09
N GLU A 17 28.28 -10.74 -28.52
CA GLU A 17 27.35 -11.27 -27.52
C GLU A 17 27.51 -10.58 -26.16
N GLU A 18 28.72 -10.12 -25.83
CA GLU A 18 28.99 -9.39 -24.58
C GLU A 18 28.38 -7.98 -24.63
N ASP A 19 28.24 -7.38 -25.83
CA ASP A 19 27.62 -6.07 -26.02
C ASP A 19 26.13 -6.17 -25.69
N ALA A 20 25.48 -7.29 -26.05
CA ALA A 20 24.08 -7.55 -25.74
C ALA A 20 23.89 -7.70 -24.23
N GLY A 21 24.86 -8.31 -23.56
CA GLY A 21 24.86 -8.52 -22.11
C GLY A 21 25.03 -7.20 -21.38
N LEU A 22 25.92 -6.35 -21.89
CA LEU A 22 26.16 -5.01 -21.33
C LEU A 22 24.91 -4.13 -21.49
N VAL A 23 24.20 -4.27 -22.63
CA VAL A 23 22.96 -3.56 -22.92
C VAL A 23 21.86 -4.02 -21.96
N ALA A 24 21.76 -5.33 -21.74
CA ALA A 24 20.79 -5.90 -20.81
C ALA A 24 21.06 -5.46 -19.37
N GLU A 25 22.35 -5.32 -19.01
CA GLU A 25 22.74 -4.84 -17.69
C GLU A 25 22.35 -3.38 -17.51
N ALA A 26 22.65 -2.54 -18.52
CA ALA A 26 22.27 -1.12 -18.54
C ALA A 26 20.75 -0.98 -18.46
N GLU A 27 20.02 -1.87 -19.16
CA GLU A 27 18.56 -1.88 -19.08
C GLU A 27 18.09 -2.15 -17.66
N ALA A 28 18.72 -3.12 -16.96
CA ALA A 28 18.35 -3.45 -15.58
C ALA A 28 18.66 -2.29 -14.64
N VAL A 29 19.79 -1.58 -14.89
CA VAL A 29 20.13 -0.40 -14.09
C VAL A 29 19.06 0.69 -14.31
N ALA A 30 18.68 0.97 -15.56
CA ALA A 30 17.67 2.00 -15.84
C ALA A 30 16.31 1.61 -15.29
N ALA A 31 15.94 0.31 -15.38
CA ALA A 31 14.66 -0.14 -14.83
C ALA A 31 14.63 0.05 -13.31
N GLY A 32 15.77 -0.21 -12.64
CA GLY A 32 15.91 0.02 -11.21
C GLY A 32 15.69 1.49 -10.86
N TRP A 33 16.30 2.41 -11.64
CA TRP A 33 16.09 3.83 -11.41
C TRP A 33 14.63 4.27 -11.67
N MET A 34 14.00 3.67 -12.68
CA MET A 34 12.63 4.00 -13.05
C MET A 34 11.67 3.53 -11.96
N LEU A 35 11.93 2.37 -11.36
CA LEU A 35 11.11 1.82 -10.28
C LEU A 35 11.15 2.76 -9.08
N ASP A 36 12.34 3.25 -8.70
CA ASP A 36 12.45 4.16 -7.54
C ASP A 36 11.70 5.44 -7.78
N PHE A 37 11.81 5.98 -9.02
CA PHE A 37 11.14 7.23 -9.36
C PHE A 37 9.61 7.00 -9.34
N LEU A 38 9.14 5.92 -9.96
CA LEU A 38 7.71 5.66 -10.01
C LEU A 38 7.14 5.40 -8.60
N CYS A 39 7.91 4.80 -7.69
CA CYS A 39 7.45 4.62 -6.30
C CYS A 39 7.27 5.98 -5.65
N LEU A 40 8.28 6.85 -5.77
CA LEU A 40 8.27 8.20 -5.23
C LEU A 40 7.09 8.98 -5.76
N SER A 41 6.81 8.84 -7.06
CA SER A 41 5.67 9.53 -7.67
CA SER A 41 5.69 9.52 -7.70
C SER A 41 4.36 8.98 -7.15
N LEU A 42 4.25 7.66 -6.99
CA LEU A 42 3.04 6.98 -6.49
C LEU A 42 2.76 7.43 -5.03
N CYS A 43 3.83 7.51 -4.21
CA CYS A 43 3.71 7.92 -2.82
C CYS A 43 3.18 9.35 -2.73
N ARG A 44 3.71 10.26 -3.58
CA ARG A 44 3.27 11.66 -3.60
C ARG A 44 1.82 11.75 -4.00
N ALA A 45 1.43 11.00 -5.04
CA ALA A 45 0.05 11.01 -5.53
C ALA A 45 -0.91 10.56 -4.44
N PHE A 46 -0.51 9.54 -3.66
CA PHE A 46 -1.31 9.01 -2.57
C PHE A 46 -1.46 10.08 -1.48
N ARG A 47 -0.33 10.71 -1.08
CA ARG A 47 -0.29 11.76 -0.09
C ARG A 47 -1.21 12.94 -0.47
N ASP A 48 -1.16 13.35 -1.73
CA ASP A 48 -1.93 14.47 -2.27
C ASP A 48 -3.37 14.18 -2.62
N GLY A 49 -3.76 12.91 -2.63
CA GLY A 49 -5.12 12.55 -3.03
C GLY A 49 -5.33 12.76 -4.51
N ARG A 50 -4.27 12.62 -5.31
CA ARG A 50 -4.33 12.77 -6.76
C ARG A 50 -4.64 11.41 -7.32
N SER A 51 -5.92 11.04 -7.28
CA SER A 51 -6.47 9.76 -7.71
C SER A 51 -6.06 9.27 -9.09
N GLU A 52 -6.20 10.14 -10.08
CA GLU A 52 -5.92 9.78 -11.45
C GLU A 52 -4.44 9.60 -11.67
N ASP A 53 -3.61 10.48 -11.10
CA ASP A 53 -2.15 10.35 -11.21
C ASP A 53 -1.69 9.06 -10.56
N PHE A 54 -2.30 8.68 -9.42
CA PHE A 54 -1.96 7.44 -8.74
C PHE A 54 -2.28 6.26 -9.65
N ARG A 55 -3.45 6.30 -10.31
CA ARG A 55 -3.89 5.22 -11.19
C ARG A 55 -2.93 5.09 -12.35
N ARG A 56 -2.58 6.19 -13.03
CA ARG A 56 -1.66 6.13 -14.15
C ARG A 56 -0.22 5.70 -13.76
N THR A 57 0.27 6.21 -12.63
CA THR A 57 1.60 5.88 -12.13
C THR A 57 1.63 4.41 -11.71
N ARG A 58 0.51 3.87 -11.16
CA ARG A 58 0.42 2.48 -10.76
C ARG A 58 0.62 1.59 -11.98
N ASN A 59 -0.07 1.90 -13.12
CA ASN A 59 0.08 1.18 -14.38
C ASN A 59 1.56 1.22 -14.85
N SER A 60 2.19 2.39 -14.75
CA SER A 60 3.59 2.54 -15.15
C SER A 60 4.52 1.69 -14.28
N ALA A 61 4.33 1.74 -12.95
CA ALA A 61 5.16 0.98 -12.01
C ALA A 61 5.00 -0.51 -12.25
N GLU A 62 3.75 -1.01 -12.40
CA GLU A 62 3.56 -2.44 -12.69
C GLU A 62 4.28 -2.85 -13.99
N ALA A 63 4.12 -2.07 -15.07
CA ALA A 63 4.78 -2.37 -16.35
C ALA A 63 6.30 -2.48 -16.21
N ILE A 64 6.96 -1.48 -15.58
CA ILE A 64 8.43 -1.51 -15.35
C ILE A 64 8.83 -2.75 -14.56
N ILE A 65 8.08 -3.07 -13.49
CA ILE A 65 8.41 -4.23 -12.66
C ILE A 65 8.38 -5.55 -13.46
N HIS A 66 7.43 -5.70 -14.42
CA HIS A 66 7.41 -6.91 -15.26
C HIS A 66 8.64 -7.07 -16.18
N GLY A 67 9.39 -5.99 -16.36
CA GLY A 67 10.60 -5.98 -17.17
C GLY A 67 11.88 -6.14 -16.35
N LEU A 68 11.73 -6.37 -15.05
CA LEU A 68 12.83 -6.55 -14.13
C LEU A 68 12.90 -7.98 -13.64
N SER A 69 14.06 -8.60 -13.72
CA SER A 69 14.18 -9.98 -13.24
C SER A 69 14.80 -10.12 -11.85
N SER A 70 15.93 -9.49 -11.61
CA SER A 70 16.58 -9.63 -10.31
C SER A 70 16.21 -8.46 -9.44
N LEU A 71 15.69 -8.75 -8.26
CA LEU A 71 15.28 -7.68 -7.37
C LEU A 71 16.09 -7.66 -6.10
N THR A 72 16.64 -6.51 -5.77
CA THR A 72 17.37 -6.39 -4.51
C THR A 72 16.36 -6.34 -3.36
N ALA A 73 16.81 -6.52 -2.09
CA ALA A 73 15.91 -6.47 -0.94
C ALA A 73 15.19 -5.12 -0.88
N CYS A 74 15.92 -4.02 -1.17
CA CYS A 74 15.34 -2.68 -1.16
CA CYS A 74 15.34 -2.69 -1.15
C CYS A 74 14.32 -2.48 -2.27
N GLN A 75 14.54 -3.07 -3.46
CA GLN A 75 13.58 -2.96 -4.56
C GLN A 75 12.28 -3.71 -4.25
N LEU A 76 12.38 -4.83 -3.54
CA LEU A 76 11.23 -5.65 -3.17
C LEU A 76 10.37 -4.94 -2.13
N ARG A 77 11.03 -4.26 -1.17
CA ARG A 77 10.34 -3.45 -0.15
C ARG A 77 9.57 -2.32 -0.85
N THR A 78 10.22 -1.69 -1.85
CA THR A 78 9.67 -0.63 -2.68
C THR A 78 8.46 -1.12 -3.43
N ILE A 79 8.54 -2.33 -4.02
CA ILE A 79 7.40 -2.91 -4.71
C ILE A 79 6.24 -3.15 -3.72
N TYR A 80 6.55 -3.69 -2.54
CA TYR A 80 5.58 -3.96 -1.49
C TYR A 80 4.86 -2.71 -1.06
N ILE A 81 5.57 -1.59 -0.87
CA ILE A 81 4.95 -0.32 -0.53
C ILE A 81 3.98 0.12 -1.62
N CYS A 82 4.38 -0.02 -2.89
CA CYS A 82 3.49 0.34 -3.99
C CYS A 82 2.22 -0.54 -4.00
N GLN A 83 2.39 -1.85 -3.75
CA GLN A 83 1.24 -2.75 -3.71
C GLN A 83 0.33 -2.44 -2.50
N PHE A 84 0.95 -2.09 -1.38
CA PHE A 84 0.27 -1.71 -0.15
C PHE A 84 -0.63 -0.50 -0.38
N LEU A 85 -0.06 0.59 -0.87
CA LEU A 85 -0.83 1.82 -1.13
C LEU A 85 -1.95 1.61 -2.19
N THR A 86 -1.73 0.69 -3.12
CA THR A 86 -2.70 0.38 -4.14
C THR A 86 -3.91 -0.34 -3.51
N ARG A 87 -3.63 -1.32 -2.66
CA ARG A 87 -4.67 -2.05 -1.97
C ARG A 87 -5.40 -1.16 -0.97
N ILE A 88 -4.69 -0.27 -0.26
CA ILE A 88 -5.30 0.68 0.66
C ILE A 88 -6.25 1.59 -0.07
N ALA A 89 -5.82 2.18 -1.23
CA ALA A 89 -6.65 3.05 -2.09
C ALA A 89 -7.88 2.31 -2.61
N ALA A 90 -7.75 1.00 -2.86
CA ALA A 90 -8.88 0.18 -3.31
C ALA A 90 -9.62 -0.47 -2.13
N GLY A 91 -9.37 -0.02 -0.90
CA GLY A 91 -9.95 -0.57 0.32
C GLY A 91 -11.46 -0.69 0.36
N LYS A 92 -12.17 0.28 -0.23
CA LYS A 92 -13.65 0.21 -0.28
C LYS A 92 -14.18 -0.51 -1.56
N THR A 93 -13.29 -0.90 -2.46
CA THR A 93 -13.67 -1.55 -3.71
C THR A 93 -13.70 -3.05 -3.46
N LEU A 94 -14.80 -3.56 -2.86
CA LEU A 94 -14.90 -4.98 -2.55
C LEU A 94 -14.95 -5.89 -3.78
N ASP A 95 -15.16 -5.33 -5.00
CA ASP A 95 -15.13 -6.10 -6.25
C ASP A 95 -13.69 -6.38 -6.72
N ALA A 96 -12.66 -5.75 -6.11
CA ALA A 96 -11.29 -5.97 -6.52
C ALA A 96 -10.72 -7.25 -5.89
N GLN A 97 -10.08 -8.09 -6.70
CA GLN A 97 -9.46 -9.32 -6.22
C GLN A 97 -7.95 -9.13 -6.31
N PHE A 98 -7.25 -8.97 -5.19
CA PHE A 98 -5.80 -8.74 -5.23
C PHE A 98 -4.95 -9.99 -5.02
N GLU A 99 -5.57 -11.08 -4.59
CA GLU A 99 -4.88 -12.34 -4.32
C GLU A 99 -5.51 -13.47 -5.15
N ASN A 100 -4.77 -14.57 -5.37
CA ASN A 100 -5.32 -15.75 -6.07
C ASN A 100 -6.54 -16.30 -5.33
N ASP A 101 -6.57 -16.17 -3.99
CA ASP A 101 -7.73 -16.55 -3.20
C ASP A 101 -8.72 -15.38 -3.36
N GLU A 102 -9.84 -15.67 -4.02
CA GLU A 102 -10.89 -14.70 -4.32
C GLU A 102 -11.60 -14.10 -3.10
N ARG A 103 -11.45 -14.74 -1.93
CA ARG A 103 -12.11 -14.30 -0.70
C ARG A 103 -11.43 -13.17 0.05
N ILE A 104 -10.11 -12.99 -0.16
CA ILE A 104 -9.31 -11.96 0.49
C ILE A 104 -9.63 -10.53 -0.01
N THR A 105 -10.22 -9.72 0.87
CA THR A 105 -10.59 -8.36 0.53
C THR A 105 -9.33 -7.47 0.43
N PRO A 106 -9.42 -6.33 -0.28
CA PRO A 106 -8.26 -5.46 -0.45
C PRO A 106 -7.58 -5.02 0.85
N LEU A 107 -8.33 -4.67 1.90
CA LEU A 107 -7.71 -4.32 3.19
C LEU A 107 -7.02 -5.52 3.87
N GLU A 108 -7.56 -6.74 3.71
CA GLU A 108 -6.88 -7.95 4.23
C GLU A 108 -5.55 -8.13 3.48
N SER A 109 -5.56 -7.90 2.16
CA SER A 109 -4.40 -8.01 1.29
C SER A 109 -3.34 -6.97 1.69
N ALA A 110 -3.77 -5.75 2.03
CA ALA A 110 -2.90 -4.67 2.46
C ALA A 110 -2.28 -5.02 3.81
N LEU A 111 -3.08 -5.59 4.74
CA LEU A 111 -2.64 -6.00 6.05
C LEU A 111 -1.53 -7.06 5.92
N MET A 112 -1.71 -8.05 5.02
CA MET A 112 -0.72 -9.08 4.76
C MET A 112 0.61 -8.46 4.30
N ILE A 113 0.57 -7.54 3.33
CA ILE A 113 1.79 -6.87 2.86
C ILE A 113 2.40 -6.04 3.97
N TRP A 114 1.57 -5.31 4.74
CA TRP A 114 2.06 -4.53 5.88
C TRP A 114 2.82 -5.42 6.90
N GLY A 115 2.36 -6.66 7.09
CA GLY A 115 3.03 -7.59 7.99
C GLY A 115 4.30 -8.21 7.40
N SER A 116 4.57 -8.00 6.11
CA SER A 116 5.70 -8.54 5.35
C SER A 116 6.82 -7.56 5.07
N ILE A 117 6.52 -6.25 5.09
CA ILE A 117 7.56 -5.26 4.80
C ILE A 117 8.70 -5.33 5.85
N GLU A 118 9.94 -5.26 5.36
CA GLU A 118 11.14 -5.25 6.18
C GLU A 118 11.23 -3.79 6.64
N LYS A 119 10.57 -3.49 7.75
CA LYS A 119 10.53 -2.15 8.30
C LYS A 119 10.41 -2.18 9.81
N GLU A 120 10.71 -1.06 10.45
CA GLU A 120 10.63 -1.00 11.90
C GLU A 120 9.21 -1.16 12.42
N HIS A 121 9.05 -1.95 13.46
CA HIS A 121 7.74 -2.12 14.07
C HIS A 121 7.52 -1.12 15.18
N ASP A 122 7.39 0.13 14.80
CA ASP A 122 7.19 1.23 15.73
C ASP A 122 5.73 1.40 16.08
N LYS A 123 5.46 2.42 16.89
CA LYS A 123 4.11 2.68 17.34
C LYS A 123 3.18 2.96 16.18
N LEU A 124 3.65 3.72 15.21
CA LEU A 124 2.84 4.05 14.06
C LEU A 124 2.49 2.79 13.32
N HIS A 125 3.44 1.89 13.19
CA HIS A 125 3.22 0.65 12.47
C HIS A 125 2.05 -0.09 13.04
N GLU A 126 2.00 -0.23 14.38
CA GLU A 126 0.93 -0.98 15.03
C GLU A 126 -0.39 -0.26 14.94
N GLU A 127 -0.39 1.07 15.03
CA GLU A 127 -1.60 1.87 14.87
C GLU A 127 -2.18 1.67 13.47
N ILE A 128 -1.33 1.74 12.41
CA ILE A 128 -1.80 1.52 11.04
C ILE A 128 -2.41 0.12 10.90
N GLN A 129 -1.76 -0.87 11.50
CA GLN A 129 -2.17 -2.25 11.46
C GLN A 129 -3.54 -2.44 12.11
N ASN A 130 -3.73 -1.87 13.31
CA ASN A 130 -5.01 -2.00 14.01
C ASN A 130 -6.12 -1.27 13.27
N LEU A 131 -5.80 -0.10 12.69
CA LEU A 131 -6.75 0.67 11.90
C LEU A 131 -7.19 -0.09 10.64
N ILE A 132 -6.24 -0.78 9.98
CA ILE A 132 -6.57 -1.59 8.79
C ILE A 132 -7.49 -2.73 9.20
N LYS A 133 -7.19 -3.44 10.33
CA LYS A 133 -8.03 -4.54 10.83
C LYS A 133 -9.46 -4.10 11.06
N ILE A 134 -9.66 -2.98 11.80
CA ILE A 134 -10.98 -2.41 12.06
C ILE A 134 -11.70 -2.09 10.75
N GLN A 135 -11.03 -1.37 9.85
CA GLN A 135 -11.64 -0.98 8.60
C GLN A 135 -11.89 -2.14 7.67
N ALA A 136 -11.13 -3.23 7.78
CA ALA A 136 -11.39 -4.42 6.95
C ALA A 136 -12.79 -4.96 7.24
N ILE A 137 -13.21 -4.90 8.51
CA ILE A 137 -14.56 -5.27 8.92
C ILE A 137 -15.56 -4.18 8.53
N ALA A 138 -15.29 -2.92 8.92
CA ALA A 138 -16.19 -1.80 8.67
C ALA A 138 -16.65 -1.66 7.23
N VAL A 139 -15.74 -1.79 6.24
CA VAL A 139 -16.13 -1.66 4.83
C VAL A 139 -17.07 -2.79 4.37
N CYS A 140 -17.11 -3.92 5.07
CA CYS A 140 -18.04 -5.00 4.73
C CYS A 140 -19.40 -4.62 5.29
N MET A 141 -19.44 -4.19 6.58
CA MET A 141 -20.64 -3.72 7.27
C MET A 141 -21.34 -2.64 6.46
N GLU A 142 -20.57 -1.62 6.02
CA GLU A 142 -21.05 -0.48 5.24
C GLU A 142 -21.69 -0.89 3.90
N ASN A 143 -21.35 -2.07 3.38
CA ASN A 143 -21.93 -2.59 2.14
C ASN A 143 -23.08 -3.59 2.37
N GLY A 144 -23.48 -3.77 3.63
CA GLY A 144 -24.50 -4.73 4.01
C GLY A 144 -24.03 -6.17 3.96
N ASN A 145 -22.71 -6.40 3.75
CA ASN A 145 -22.10 -7.73 3.67
C ASN A 145 -21.80 -8.24 5.07
N PHE A 146 -22.85 -8.57 5.85
CA PHE A 146 -22.67 -8.98 7.24
C PHE A 146 -21.98 -10.32 7.41
N LYS A 147 -22.32 -11.31 6.57
CA LYS A 147 -21.66 -12.61 6.65
C LYS A 147 -20.18 -12.49 6.25
N GLU A 148 -19.87 -11.60 5.30
CA GLU A 148 -18.50 -11.40 4.88
C GLU A 148 -17.67 -10.71 6.00
N ALA A 149 -18.30 -9.85 6.83
CA ALA A 149 -17.60 -9.19 7.92
C ALA A 149 -17.15 -10.24 8.94
N GLU A 150 -18.02 -11.23 9.23
CA GLU A 150 -17.71 -12.32 10.14
C GLU A 150 -16.54 -13.14 9.61
N GLU A 151 -16.50 -13.40 8.31
CA GLU A 151 -15.45 -14.18 7.70
C GLU A 151 -14.12 -13.41 7.69
N VAL A 152 -14.18 -12.09 7.47
CA VAL A 152 -12.98 -11.22 7.51
C VAL A 152 -12.44 -11.27 8.93
N PHE A 153 -13.34 -11.13 9.93
CA PHE A 153 -13.06 -11.17 11.37
C PHE A 153 -12.29 -12.44 11.76
N GLU A 154 -12.78 -13.62 11.35
CA GLU A 154 -12.17 -14.90 11.65
C GLU A 154 -10.79 -15.05 10.98
N ARG A 155 -10.61 -14.47 9.78
CA ARG A 155 -9.31 -14.56 9.11
C ARG A 155 -8.27 -13.66 9.78
N ILE A 156 -8.69 -12.46 10.18
CA ILE A 156 -7.80 -11.50 10.83
C ILE A 156 -7.42 -11.96 12.24
N PHE A 157 -8.41 -12.29 13.08
CA PHE A 157 -8.14 -12.75 14.45
C PHE A 157 -7.91 -14.27 14.55
N ASN A 161 -4.01 -14.02 21.92
CA ASN A 161 -3.41 -13.68 20.64
C ASN A 161 -3.58 -12.20 20.37
N SER A 162 -4.74 -11.83 19.85
CA SER A 162 -5.02 -10.43 19.57
C SER A 162 -5.77 -9.77 20.73
N HIS A 163 -5.84 -8.45 20.73
CA HIS A 163 -6.48 -7.75 21.85
C HIS A 163 -7.89 -8.25 22.04
N MET A 164 -8.13 -9.01 23.11
CA MET A 164 -9.44 -9.60 23.34
C MET A 164 -10.57 -8.58 23.48
N PRO A 165 -10.33 -7.50 24.24
CA PRO A 165 -11.39 -6.49 24.30
C PRO A 165 -11.71 -5.97 22.92
N PHE A 166 -10.67 -5.65 22.16
CA PHE A 166 -10.85 -5.14 20.82
C PHE A 166 -11.62 -6.14 19.98
N LYS A 167 -11.17 -7.38 19.98
CA LYS A 167 -11.79 -8.41 19.19
C LYS A 167 -13.25 -8.57 19.54
N SER A 168 -13.56 -8.53 20.82
CA SER A 168 -14.93 -8.74 21.25
C SER A 168 -15.87 -7.63 20.79
N LYS A 169 -15.41 -6.39 20.87
CA LYS A 169 -16.26 -5.28 20.48
C LYS A 169 -16.68 -5.43 19.03
N LEU A 170 -15.72 -5.78 18.18
CA LEU A 170 -16.01 -5.89 16.77
C LEU A 170 -17.06 -6.94 16.54
N LEU A 171 -16.91 -8.07 17.21
CA LEU A 171 -17.83 -9.16 16.99
C LEU A 171 -19.23 -8.72 17.38
N MET A 172 -19.32 -8.01 18.49
CA MET A 172 -20.61 -7.52 18.93
C MET A 172 -21.23 -6.65 17.85
N ILE A 173 -20.44 -5.74 17.32
CA ILE A 173 -20.94 -4.84 16.28
C ILE A 173 -21.37 -5.61 15.05
N ILE A 174 -20.59 -6.61 14.67
CA ILE A 174 -20.94 -7.40 13.52
C ILE A 174 -22.26 -8.11 13.78
N SER A 175 -22.39 -8.71 14.95
CA SER A 175 -23.61 -9.44 15.29
C SER A 175 -24.79 -8.49 15.34
N GLN A 176 -24.58 -7.31 15.89
CA GLN A 176 -25.65 -6.33 15.99
C GLN A 176 -25.95 -5.79 14.60
N LYS A 177 -25.08 -6.08 13.65
CA LYS A 177 -25.29 -5.62 12.28
C LYS A 177 -25.45 -4.11 12.21
N ASP A 178 -24.79 -3.40 13.11
CA ASP A 178 -24.86 -1.94 13.07
C ASP A 178 -23.80 -1.41 12.16
N THR A 179 -24.06 -1.42 10.85
CA THR A 179 -23.07 -0.97 9.90
C THR A 179 -22.53 0.38 10.30
N PHE A 180 -23.42 1.30 10.63
CA PHE A 180 -22.99 2.63 11.05
C PHE A 180 -22.86 2.69 12.56
N HIS A 181 -21.74 2.19 13.08
CA HIS A 181 -21.53 2.20 14.51
C HIS A 181 -20.51 3.25 14.90
N SER A 182 -20.64 3.81 16.09
CA SER A 182 -19.74 4.86 16.53
C SER A 182 -18.28 4.47 16.61
N PHE A 183 -18.01 3.21 16.87
CA PHE A 183 -16.63 2.78 17.04
C PHE A 183 -15.86 3.09 15.79
N PHE A 184 -16.49 2.91 14.65
CA PHE A 184 -15.80 3.11 13.39
C PHE A 184 -15.52 4.58 13.14
N GLN A 185 -16.15 5.46 13.89
CA GLN A 185 -15.87 6.88 13.76
C GLN A 185 -14.62 7.19 14.52
N HIS A 186 -14.51 6.65 15.72
CA HIS A 186 -13.33 6.86 16.52
C HIS A 186 -12.14 6.31 15.75
N PHE A 187 -12.39 5.29 14.95
CA PHE A 187 -11.33 4.73 14.14
C PHE A 187 -11.82 4.71 12.72
N SER A 188 -11.89 5.88 12.09
CA SER A 188 -12.41 5.98 10.75
C SER A 188 -11.45 5.64 9.64
N TYR A 189 -12.00 5.47 8.44
CA TYR A 189 -11.18 5.18 7.29
C TYR A 189 -10.25 6.35 7.11
N ASN A 190 -10.75 7.54 7.39
CA ASN A 190 -9.94 8.74 7.28
C ASN A 190 -8.76 8.67 8.21
N HIS A 191 -9.00 8.25 9.45
CA HIS A 191 -7.92 8.10 10.38
C HIS A 191 -6.90 7.16 9.82
N MET A 192 -7.37 6.03 9.31
CA MET A 192 -6.47 5.05 8.70
C MET A 192 -5.67 5.72 7.59
N MET A 193 -6.35 6.48 6.69
CA MET A 193 -5.68 7.20 5.60
C MET A 193 -4.65 8.23 6.11
N GLU A 194 -4.99 9.04 7.12
CA GLU A 194 -4.06 10.05 7.63
C GLU A 194 -2.83 9.42 8.28
N LYS A 195 -3.02 8.31 9.03
CA LYS A 195 -1.88 7.64 9.66
C LYS A 195 -0.98 7.05 8.55
N ILE A 196 -1.59 6.46 7.50
CA ILE A 196 -0.83 5.92 6.39
C ILE A 196 -0.10 7.02 5.63
N LYS A 197 -0.73 8.20 5.47
CA LYS A 197 -0.10 9.35 4.82
C LYS A 197 1.12 9.85 5.59
N SER A 198 1.13 9.75 6.94
CA SER A 198 2.30 10.15 7.72
C SER A 198 3.45 9.22 7.41
N TYR A 199 3.17 7.91 7.24
CA TYR A 199 4.17 6.91 6.90
C TYR A 199 4.67 7.22 5.50
N VAL A 200 3.75 7.50 4.55
CA VAL A 200 4.12 7.84 3.17
C VAL A 200 5.09 9.04 3.17
N ASN A 201 4.85 10.05 4.02
CA ASN A 201 5.73 11.21 4.18
C ASN A 201 7.17 10.83 4.54
N TYR A 202 7.35 9.79 5.33
CA TYR A 202 8.68 9.32 5.72
C TYR A 202 9.32 8.54 4.54
N VAL A 203 8.53 7.79 3.77
CA VAL A 203 9.05 7.08 2.60
C VAL A 203 9.52 8.11 1.56
N LEU A 204 8.75 9.18 1.36
CA LEU A 204 9.08 10.26 0.44
C LEU A 204 10.40 10.91 0.76
N SER A 205 10.70 11.14 2.05
CA SER A 205 11.98 11.75 2.42
C SER A 205 13.15 10.87 2.00
N GLU A 206 13.01 9.55 2.21
CA GLU A 206 14.01 8.54 1.91
C GLU A 206 14.26 8.36 0.41
N LYS A 207 13.21 8.55 -0.43
CA LYS A 207 13.31 8.34 -1.87
C LYS A 207 13.50 9.61 -2.71
N SER A 208 13.24 10.79 -2.11
CA SER A 208 13.43 12.04 -2.84
C SER A 208 14.89 12.26 -3.31
N SER A 209 15.84 11.48 -2.77
CA SER A 209 17.27 11.54 -3.09
C SER A 209 17.69 10.51 -4.16
N THR A 210 16.78 9.67 -4.68
CA THR A 210 17.13 8.67 -5.70
C THR A 210 17.56 9.35 -7.02
N PHE A 211 18.39 8.66 -7.82
CA PHE A 211 19.02 9.17 -9.05
C PHE A 211 18.08 9.95 -10.00
N LEU A 212 17.01 9.34 -10.49
CA LEU A 212 16.12 9.97 -11.45
C LEU A 212 15.51 11.25 -10.92
N MET A 213 14.92 11.24 -9.73
CA MET A 213 14.29 12.44 -9.17
C MET A 213 15.30 13.54 -8.95
N LYS A 214 16.46 13.18 -8.43
CA LYS A 214 17.53 14.11 -8.14
C LYS A 214 18.03 14.76 -9.45
N ALA A 215 18.25 13.96 -10.51
CA ALA A 215 18.72 14.51 -11.79
C ALA A 215 17.65 15.38 -12.46
N ALA A 216 16.35 14.98 -12.36
CA ALA A 216 15.25 15.74 -12.93
C ALA A 216 15.08 17.05 -12.18
N ALA A 217 15.25 17.03 -10.84
CA ALA A 217 15.13 18.25 -10.06
C ALA A 217 16.25 19.24 -10.37
N LYS A 218 17.48 18.75 -10.59
CA LYS A 218 18.60 19.64 -10.94
C LYS A 218 18.33 20.36 -12.28
N VAL A 219 17.74 19.66 -13.25
CA VAL A 219 17.42 20.24 -14.55
C VAL A 219 16.39 21.37 -14.38
N VAL A 220 15.34 21.10 -13.61
CA VAL A 220 14.29 22.07 -13.34
C VAL A 220 14.86 23.28 -12.59
N GLU A 221 15.73 23.05 -11.61
CA GLU A 221 16.34 24.13 -10.85
C GLU A 221 17.32 24.96 -11.68
N SER A 222 17.98 24.36 -12.70
CA SER A 222 18.90 25.11 -13.57
C SER A 222 18.17 26.02 -14.59
N LYS A 223 16.86 25.81 -14.79
CA LYS A 223 16.07 26.66 -15.69
C LYS A 223 15.33 27.78 -14.93
N ARG A 224 15.59 27.96 -13.61
CA ARG A 224 14.86 28.93 -12.80
C ARG A 224 15.57 30.27 -12.65
#